data_5UL0
#
_entry.id   5UL0
#
_cell.length_a   78.800
_cell.length_b   67.140
_cell.length_c   81.430
_cell.angle_alpha   90.000
_cell.angle_beta   99.450
_cell.angle_gamma   90.000
#
_symmetry.space_group_name_H-M   'P 1 21 1'
#
loop_
_entity.id
_entity.type
_entity.pdbx_description
1 polymer 'Lanosterol 14-alpha demethylase'
2 non-polymer 'PROTOPORPHYRIN IX CONTAINING FE'
3 non-polymer (R)-2-(2,4-Difluorophenyl)-1,1-difluoro-3-(1H-tetrazol-1-yl)-1-(5-(4-(2,2,2-trifluoroethoxy)phenyl)pyridin-2-yl)propan-2-ol
4 non-polymer 'PENTAETHYLENE GLYCOL'
5 water water
#
_entity_poly.entity_id   1
_entity_poly.type   'polypeptide(L)'
_entity_poly.pdbx_seq_one_letter_code
;IVGEALEYVNIGLSHFLALPLAQRISLIIIIPFIYNIVWQLLYSLRKDRPPLVFYWIPWVGSAVVYGMKPYEFFEECQKK
YGDIFSFVLLGRVMTVYLGPKGHEFVFNAKLADVSAEAAYAHLTTPVFGKGVIYDCPNSRLMEQKKFVKGALTKEAFKSY
VPLIAEEVYKYFRDSKNFRLNERTTGTIDVMVTQPEMTIFTASRSLLGKEMRAKLDTDFAYLYSDLDKGFTPINFVFPNL
PLEHYRKRDHAQKAISGTYMSLIKERRKNNDIQDRDLIDSLMKNSTYKDGVKMTDQEIANLLIGVLMGGQHTSAATSAWI
LLHLAERPDVQQELYEEQMRVLDGGKKELTYDLLQEMPLLNQTIKETLRMHHPLHSLFRKVMKDMHVPNTSYVIPAGYHV
LVSPGYTHLRDEYFPNAHQFNIHRWNNDSASSYSVGEEVDYGFGAISKGVSSPYLPFGGGRHRCIGEHFAYCQLGVLMSI
FIRTLKWHYPEGKTVPPPDFTSMVTLPTGPAKIIWEKRNPEQKIGGRH
;
_entity_poly.pdbx_strand_id   A
#
# COMPACT_ATOMS: atom_id res chain seq x y z
N ILE A 1 -56.06 -2.19 -35.95
CA ILE A 1 -56.25 -1.51 -34.67
C ILE A 1 -55.04 -1.72 -33.76
N VAL A 2 -54.55 -0.63 -33.16
CA VAL A 2 -53.49 -0.75 -32.17
C VAL A 2 -54.02 -1.02 -30.77
N GLY A 3 -55.29 -0.68 -30.50
CA GLY A 3 -55.88 -1.04 -29.22
C GLY A 3 -55.82 -2.53 -28.96
N GLU A 4 -56.05 -3.32 -30.01
CA GLU A 4 -55.95 -4.78 -29.86
C GLU A 4 -54.51 -5.20 -29.57
N ALA A 5 -53.53 -4.40 -29.96
CA ALA A 5 -52.15 -4.73 -29.61
C ALA A 5 -51.93 -4.63 -28.11
N LEU A 6 -52.44 -3.55 -27.50
CA LEU A 6 -52.22 -3.36 -26.07
C LEU A 6 -52.92 -4.41 -25.23
N GLU A 7 -54.10 -4.89 -25.67
CA GLU A 7 -54.70 -6.04 -25.01
C GLU A 7 -53.73 -7.22 -24.96
N TYR A 8 -52.96 -7.41 -26.03
CA TYR A 8 -52.07 -8.57 -26.06
C TYR A 8 -50.79 -8.34 -25.27
N VAL A 9 -50.38 -7.09 -25.06
CA VAL A 9 -49.37 -6.84 -24.04
C VAL A 9 -49.87 -7.33 -22.69
N ASN A 10 -51.11 -6.94 -22.35
CA ASN A 10 -51.72 -7.38 -21.10
C ASN A 10 -51.82 -8.90 -21.05
N ILE A 11 -52.38 -9.50 -22.09
CA ILE A 11 -52.49 -10.96 -22.14
C ILE A 11 -51.12 -11.61 -22.01
N GLY A 12 -50.15 -11.14 -22.80
CA GLY A 12 -48.83 -11.75 -22.79
C GLY A 12 -48.16 -11.60 -21.43
N LEU A 13 -48.38 -10.46 -20.78
CA LEU A 13 -47.94 -10.29 -19.40
C LEU A 13 -48.58 -11.33 -18.49
N SER A 14 -49.87 -11.59 -18.67
CA SER A 14 -50.52 -12.58 -17.83
C SER A 14 -50.00 -13.98 -18.12
N HIS A 15 -49.67 -14.25 -19.40
CA HIS A 15 -49.08 -15.54 -19.73
C HIS A 15 -47.66 -15.68 -19.19
N PHE A 16 -46.89 -14.59 -19.22
CA PHE A 16 -45.55 -14.64 -18.66
C PHE A 16 -45.57 -15.02 -17.19
N LEU A 17 -46.45 -14.37 -16.42
CA LEU A 17 -46.56 -14.66 -14.99
C LEU A 17 -46.94 -16.10 -14.72
N ALA A 18 -47.44 -16.83 -15.72
CA ALA A 18 -47.92 -18.20 -15.57
C ALA A 18 -46.99 -19.23 -16.21
N LEU A 19 -45.79 -18.82 -16.63
CA LEU A 19 -44.83 -19.82 -17.08
C LEU A 19 -44.30 -20.60 -15.89
N PRO A 20 -43.89 -21.86 -16.10
CA PRO A 20 -43.26 -22.62 -15.02
C PRO A 20 -42.00 -21.91 -14.53
N LEU A 21 -41.75 -22.02 -13.22
CA LEU A 21 -40.58 -21.39 -12.62
C LEU A 21 -39.26 -21.86 -13.25
N ALA A 22 -39.29 -22.96 -13.99
CA ALA A 22 -38.14 -23.32 -14.82
C ALA A 22 -37.85 -22.23 -15.84
N GLN A 23 -38.91 -21.74 -16.50
CA GLN A 23 -38.75 -20.75 -17.55
C GLN A 23 -38.52 -19.35 -16.98
N ARG A 24 -39.20 -19.01 -15.88
CA ARG A 24 -39.12 -17.65 -15.37
C ARG A 24 -37.77 -17.36 -14.75
N ILE A 25 -37.24 -18.29 -13.95
CA ILE A 25 -35.91 -18.10 -13.41
C ILE A 25 -34.84 -18.33 -14.47
N SER A 26 -35.19 -18.98 -15.59
CA SER A 26 -34.38 -18.82 -16.78
C SER A 26 -34.41 -17.35 -17.15
N LEU A 27 -35.60 -16.87 -17.49
CA LEU A 27 -35.75 -15.54 -18.07
C LEU A 27 -35.32 -14.43 -17.12
N ILE A 28 -35.20 -14.69 -15.82
CA ILE A 28 -34.65 -13.64 -14.97
C ILE A 28 -33.14 -13.51 -15.18
N ILE A 29 -32.48 -14.59 -15.58
CA ILE A 29 -31.05 -14.51 -15.91
C ILE A 29 -30.85 -14.14 -17.38
N ILE A 30 -31.70 -14.61 -18.28
CA ILE A 30 -31.43 -14.34 -19.70
C ILE A 30 -31.67 -12.88 -20.02
N ILE A 31 -32.68 -12.24 -19.40
CA ILE A 31 -33.05 -10.88 -19.80
C ILE A 31 -31.97 -9.85 -19.47
N PRO A 32 -31.27 -9.89 -18.30
CA PRO A 32 -30.25 -8.86 -18.08
C PRO A 32 -28.95 -9.21 -18.80
N PHE A 33 -28.68 -10.51 -18.97
CA PHE A 33 -27.53 -10.92 -19.76
C PHE A 33 -27.60 -10.35 -21.18
N ILE A 34 -28.77 -10.44 -21.81
CA ILE A 34 -28.90 -9.91 -23.16
C ILE A 34 -29.06 -8.39 -23.14
N TYR A 35 -29.78 -7.86 -22.13
CA TYR A 35 -29.89 -6.41 -22.04
C TYR A 35 -28.53 -5.76 -21.83
N ASN A 36 -27.66 -6.40 -21.05
CA ASN A 36 -26.31 -5.91 -20.83
C ASN A 36 -25.54 -5.82 -22.14
N ILE A 37 -25.52 -6.93 -22.91
CA ILE A 37 -24.83 -6.96 -24.19
C ILE A 37 -25.36 -5.90 -25.15
N VAL A 38 -26.66 -5.58 -25.04
CA VAL A 38 -27.24 -4.53 -25.88
C VAL A 38 -26.74 -3.16 -25.43
N TRP A 39 -26.77 -2.92 -24.12
CA TRP A 39 -26.38 -1.62 -23.60
C TRP A 39 -24.92 -1.28 -23.94
N GLN A 40 -24.02 -2.26 -23.86
CA GLN A 40 -22.62 -2.01 -24.19
C GLN A 40 -22.48 -1.59 -25.64
N LEU A 41 -23.13 -2.32 -26.56
CA LEU A 41 -23.03 -1.97 -27.97
C LEU A 41 -23.52 -0.56 -28.24
N LEU A 42 -24.61 -0.15 -27.58
CA LEU A 42 -25.07 1.23 -27.71
C LEU A 42 -24.08 2.20 -27.06
N TYR A 43 -23.52 1.83 -25.92
CA TYR A 43 -22.52 2.66 -25.25
C TYR A 43 -21.31 2.91 -26.14
N SER A 44 -20.88 1.87 -26.88
CA SER A 44 -19.71 1.98 -27.75
C SER A 44 -19.87 3.04 -28.83
N LEU A 45 -21.09 3.54 -29.06
CA LEU A 45 -21.32 4.56 -30.06
C LEU A 45 -21.22 5.97 -29.51
N ARG A 46 -21.22 6.13 -28.19
CA ARG A 46 -20.98 7.43 -27.61
C ARG A 46 -19.51 7.82 -27.77
N LYS A 47 -19.27 9.01 -28.31
CA LYS A 47 -17.91 9.48 -28.48
C LYS A 47 -17.43 10.38 -27.34
N ASP A 48 -18.31 10.73 -26.40
CA ASP A 48 -17.90 11.45 -25.20
C ASP A 48 -17.53 10.51 -24.05
N ARG A 49 -17.34 9.22 -24.32
CA ARG A 49 -16.95 8.24 -23.31
C ARG A 49 -15.75 7.44 -23.78
N PRO A 50 -14.79 7.17 -22.90
CA PRO A 50 -13.67 6.31 -23.29
C PRO A 50 -14.18 4.93 -23.62
N PRO A 51 -13.48 4.19 -24.48
CA PRO A 51 -13.88 2.82 -24.77
C PRO A 51 -14.07 2.01 -23.50
N LEU A 52 -15.09 1.16 -23.48
CA LEU A 52 -15.43 0.32 -22.35
C LEU A 52 -15.09 -1.13 -22.67
N VAL A 53 -14.29 -1.76 -21.81
CA VAL A 53 -13.88 -3.13 -22.05
C VAL A 53 -15.10 -4.04 -22.02
N PHE A 54 -15.21 -4.93 -23.00
CA PHE A 54 -16.37 -5.80 -23.09
C PHE A 54 -16.33 -6.89 -22.02
N TYR A 55 -17.50 -7.23 -21.50
CA TYR A 55 -17.64 -8.25 -20.46
C TYR A 55 -18.99 -8.95 -20.62
N TRP A 56 -19.07 -10.18 -20.10
CA TRP A 56 -20.28 -10.97 -20.21
C TRP A 56 -21.16 -10.89 -18.96
N ILE A 57 -20.73 -11.52 -17.87
CA ILE A 57 -21.45 -11.50 -16.60
C ILE A 57 -21.77 -10.07 -16.19
N PRO A 58 -23.05 -9.69 -16.12
CA PRO A 58 -23.38 -8.34 -15.64
C PRO A 58 -22.98 -8.15 -14.17
N TRP A 59 -22.80 -6.88 -13.82
CA TRP A 59 -22.33 -6.44 -12.50
C TRP A 59 -20.89 -6.88 -12.21
N VAL A 60 -20.57 -8.17 -12.33
CA VAL A 60 -19.24 -8.67 -12.03
C VAL A 60 -18.19 -7.97 -12.90
N GLY A 61 -18.53 -7.72 -14.16
CA GLY A 61 -17.66 -7.00 -15.08
C GLY A 61 -16.37 -7.74 -15.30
N SER A 62 -15.28 -6.97 -15.50
CA SER A 62 -13.94 -7.51 -15.69
C SER A 62 -13.22 -7.84 -14.37
N ALA A 63 -13.95 -8.05 -13.26
CA ALA A 63 -13.35 -8.18 -11.94
C ALA A 63 -12.31 -9.28 -11.88
N VAL A 64 -12.59 -10.42 -12.51
CA VAL A 64 -11.71 -11.58 -12.36
C VAL A 64 -10.35 -11.31 -12.96
N VAL A 65 -10.31 -10.83 -14.21
CA VAL A 65 -9.01 -10.63 -14.84
C VAL A 65 -8.30 -9.40 -14.27
N TYR A 66 -9.07 -8.37 -13.89
CA TYR A 66 -8.43 -7.23 -13.24
C TYR A 66 -7.83 -7.64 -11.90
N GLY A 67 -8.62 -8.33 -11.07
CA GLY A 67 -8.15 -8.69 -9.75
C GLY A 67 -6.94 -9.62 -9.76
N MET A 68 -6.84 -10.49 -10.76
CA MET A 68 -5.78 -11.47 -10.73
C MET A 68 -4.47 -10.99 -11.34
N LYS A 69 -4.54 -10.24 -12.45
CA LYS A 69 -3.34 -9.79 -13.16
C LYS A 69 -3.59 -8.41 -13.75
N PRO A 70 -3.61 -7.37 -12.90
CA PRO A 70 -4.01 -6.04 -13.38
C PRO A 70 -3.08 -5.43 -14.39
N TYR A 71 -1.76 -5.68 -14.31
CA TYR A 71 -0.86 -5.10 -15.29
C TYR A 71 -1.01 -5.75 -16.67
N GLU A 72 -1.33 -7.05 -16.70
CA GLU A 72 -1.61 -7.68 -17.98
C GLU A 72 -2.92 -7.17 -18.57
N PHE A 73 -3.94 -7.01 -17.72
CA PHE A 73 -5.21 -6.44 -18.16
C PHE A 73 -4.97 -5.06 -18.77
N PHE A 74 -4.21 -4.21 -18.08
CA PHE A 74 -3.97 -2.86 -18.58
C PHE A 74 -3.21 -2.89 -19.91
N GLU A 75 -2.26 -3.80 -20.06
CA GLU A 75 -1.48 -3.80 -21.30
C GLU A 75 -2.31 -4.26 -22.48
N GLU A 76 -3.18 -5.26 -22.26
CA GLU A 76 -4.07 -5.70 -23.34
C GLU A 76 -5.06 -4.60 -23.69
N CYS A 77 -5.69 -4.02 -22.66
CA CYS A 77 -6.56 -2.86 -22.89
C CYS A 77 -5.81 -1.73 -23.58
N GLN A 78 -4.56 -1.47 -23.18
CA GLN A 78 -3.82 -0.35 -23.76
C GLN A 78 -3.52 -0.59 -25.23
N LYS A 79 -3.21 -1.82 -25.61
CA LYS A 79 -3.01 -2.12 -27.03
C LYS A 79 -4.29 -1.92 -27.81
N LYS A 80 -5.44 -2.27 -27.20
CA LYS A 80 -6.71 -2.21 -27.91
C LYS A 80 -7.23 -0.77 -28.04
N TYR A 81 -7.29 -0.03 -26.93
CA TYR A 81 -8.00 1.24 -26.91
C TYR A 81 -7.14 2.46 -26.57
N GLY A 82 -5.82 2.32 -26.48
CA GLY A 82 -4.99 3.43 -26.02
C GLY A 82 -4.92 3.54 -24.50
N ASP A 83 -4.65 4.75 -24.02
CA ASP A 83 -4.28 4.94 -22.61
C ASP A 83 -5.47 5.21 -21.70
N ILE A 84 -6.63 5.60 -22.24
CA ILE A 84 -7.83 5.88 -21.46
C ILE A 84 -8.90 4.87 -21.87
N PHE A 85 -9.40 4.12 -20.89
CA PHE A 85 -10.43 3.12 -21.16
C PHE A 85 -11.14 2.82 -19.85
N SER A 86 -12.38 2.36 -19.98
CA SER A 86 -13.19 2.02 -18.82
C SER A 86 -13.42 0.53 -18.76
N PHE A 87 -13.69 0.04 -17.55
CA PHE A 87 -14.09 -1.35 -17.39
C PHE A 87 -14.98 -1.44 -16.15
N VAL A 88 -15.83 -2.45 -16.11
CA VAL A 88 -16.82 -2.57 -15.05
C VAL A 88 -16.28 -3.51 -13.97
N LEU A 89 -16.34 -3.07 -12.73
CA LEU A 89 -15.75 -3.78 -11.60
C LEU A 89 -16.80 -3.89 -10.49
N LEU A 90 -17.24 -5.13 -10.21
CA LEU A 90 -18.24 -5.47 -9.20
C LEU A 90 -19.26 -4.38 -8.96
N GLY A 91 -19.89 -3.88 -10.02
CA GLY A 91 -20.94 -2.89 -9.90
C GLY A 91 -20.53 -1.46 -10.20
N ARG A 92 -19.23 -1.18 -10.24
CA ARG A 92 -18.75 0.18 -10.48
C ARG A 92 -18.10 0.27 -11.86
N VAL A 93 -18.00 1.49 -12.37
CA VAL A 93 -17.28 1.78 -13.61
C VAL A 93 -15.96 2.48 -13.27
N MET A 94 -14.85 1.82 -13.61
CA MET A 94 -13.50 2.36 -13.39
C MET A 94 -12.95 2.88 -14.71
N THR A 95 -12.58 4.16 -14.76
CA THR A 95 -11.91 4.73 -15.91
C THR A 95 -10.42 4.81 -15.62
N VAL A 96 -9.64 4.04 -16.36
CA VAL A 96 -8.18 3.99 -16.26
C VAL A 96 -7.58 5.05 -17.18
N TYR A 97 -6.62 5.83 -16.65
CA TYR A 97 -5.77 6.72 -17.45
C TYR A 97 -4.31 6.33 -17.22
N LEU A 98 -3.74 5.56 -18.16
CA LEU A 98 -2.36 5.09 -18.10
C LEU A 98 -1.34 6.17 -18.47
N GLY A 99 -0.16 6.08 -17.84
CA GLY A 99 0.97 6.90 -18.21
C GLY A 99 1.04 8.18 -17.40
N PRO A 100 2.09 8.97 -17.65
CA PRO A 100 2.24 10.25 -16.92
C PRO A 100 1.04 11.19 -17.02
N LYS A 101 0.40 11.30 -18.20
CA LYS A 101 -0.79 12.13 -18.28
C LYS A 101 -1.89 11.63 -17.36
N GLY A 102 -1.93 10.31 -17.14
CA GLY A 102 -2.89 9.75 -16.19
C GLY A 102 -2.55 10.07 -14.76
N HIS A 103 -1.25 10.03 -14.41
CA HIS A 103 -0.85 10.47 -13.08
C HIS A 103 -1.32 11.90 -12.85
N GLU A 104 -1.11 12.77 -13.84
CA GLU A 104 -1.53 14.16 -13.74
C GLU A 104 -3.05 14.29 -13.65
N PHE A 105 -3.77 13.54 -14.50
CA PHE A 105 -5.22 13.64 -14.53
C PHE A 105 -5.89 13.22 -13.23
N VAL A 106 -5.29 12.29 -12.47
CA VAL A 106 -5.91 11.74 -11.27
C VAL A 106 -5.27 12.30 -9.99
N PHE A 107 -3.94 12.21 -9.87
CA PHE A 107 -3.27 12.66 -8.64
C PHE A 107 -3.38 14.17 -8.44
N ASN A 108 -3.53 14.93 -9.53
CA ASN A 108 -3.61 16.38 -9.45
C ASN A 108 -5.03 16.89 -9.73
N ALA A 109 -6.01 15.99 -9.77
CA ALA A 109 -7.40 16.37 -9.95
C ALA A 109 -7.85 17.33 -8.86
N LYS A 110 -8.75 18.23 -9.23
CA LYS A 110 -9.26 19.22 -8.30
C LYS A 110 -10.03 18.55 -7.16
N LEU A 111 -9.90 19.14 -5.97
CA LEU A 111 -10.57 18.61 -4.79
C LEU A 111 -12.07 18.41 -5.01
N ALA A 112 -12.69 19.32 -5.75
CA ALA A 112 -14.11 19.20 -6.06
C ALA A 112 -14.43 18.15 -7.10
N ASP A 113 -13.44 17.68 -7.89
CA ASP A 113 -13.74 16.77 -8.98
C ASP A 113 -13.79 15.31 -8.52
N VAL A 114 -12.99 14.93 -7.52
CA VAL A 114 -12.83 13.53 -7.13
C VAL A 114 -12.74 13.45 -5.61
N SER A 115 -13.03 12.26 -5.09
CA SER A 115 -12.96 12.00 -3.66
C SER A 115 -12.24 10.68 -3.40
N ALA A 116 -11.17 10.73 -2.60
CA ALA A 116 -10.53 9.49 -2.15
C ALA A 116 -11.35 8.81 -1.06
N GLU A 117 -11.82 9.58 -0.08
CA GLU A 117 -12.54 8.96 1.04
C GLU A 117 -13.82 8.28 0.57
N ALA A 118 -14.44 8.77 -0.51
CA ALA A 118 -15.61 8.08 -1.05
C ALA A 118 -15.24 6.76 -1.69
N ALA A 119 -14.01 6.64 -2.23
CA ALA A 119 -13.55 5.34 -2.75
C ALA A 119 -13.09 4.41 -1.65
N TYR A 120 -12.55 4.95 -0.57
CA TYR A 120 -11.73 4.16 0.36
C TYR A 120 -12.36 3.90 1.72
N ALA A 121 -13.38 4.66 2.14
CA ALA A 121 -13.82 4.65 3.54
C ALA A 121 -14.20 3.25 4.03
N HIS A 122 -14.83 2.43 3.18
CA HIS A 122 -15.18 1.09 3.61
C HIS A 122 -13.98 0.18 3.68
N LEU A 123 -12.95 0.44 2.84
CA LEU A 123 -11.73 -0.36 2.86
C LEU A 123 -11.02 -0.28 4.20
N THR A 124 -10.97 0.92 4.82
CA THR A 124 -10.09 1.20 5.95
C THR A 124 -10.80 1.56 7.27
N THR A 125 -11.93 2.27 7.26
CA THR A 125 -12.57 2.62 8.53
C THR A 125 -12.86 1.42 9.44
N PRO A 126 -13.36 0.28 8.94
CA PRO A 126 -13.50 -0.92 9.80
C PRO A 126 -12.23 -1.36 10.47
N VAL A 127 -11.07 -1.15 9.83
CA VAL A 127 -9.80 -1.60 10.42
C VAL A 127 -9.22 -0.56 11.37
N PHE A 128 -9.23 0.72 10.97
CA PHE A 128 -8.53 1.74 11.77
C PHE A 128 -9.40 2.24 12.91
N GLY A 129 -10.69 2.44 12.65
CA GLY A 129 -11.59 3.09 13.57
C GLY A 129 -12.15 4.36 12.96
N LYS A 130 -13.01 5.02 13.73
CA LYS A 130 -13.77 6.17 13.24
C LYS A 130 -12.98 7.47 13.37
N GLY A 131 -13.38 8.44 12.55
CA GLY A 131 -12.94 9.81 12.72
C GLY A 131 -11.62 10.18 12.08
N VAL A 132 -10.90 9.21 11.50
CA VAL A 132 -9.57 9.50 10.96
C VAL A 132 -9.44 8.98 9.53
N ILE A 133 -8.43 9.52 8.83
CA ILE A 133 -8.01 9.07 7.51
C ILE A 133 -9.13 9.28 6.50
N TYR A 134 -9.91 8.22 6.22
CA TYR A 134 -10.98 8.30 5.24
C TYR A 134 -12.38 8.31 5.87
N ASP A 135 -12.48 8.54 7.19
CA ASP A 135 -13.76 8.63 7.88
C ASP A 135 -13.90 10.05 8.44
N CYS A 136 -13.76 11.03 7.58
CA CYS A 136 -13.61 12.43 7.95
C CYS A 136 -13.39 13.22 6.67
N PRO A 137 -13.72 14.51 6.66
CA PRO A 137 -13.47 15.31 5.45
C PRO A 137 -11.99 15.45 5.12
N ASN A 138 -11.73 15.78 3.85
CA ASN A 138 -10.36 15.89 3.35
C ASN A 138 -9.55 16.89 4.17
N SER A 139 -10.18 17.97 4.63
CA SER A 139 -9.43 18.96 5.38
C SER A 139 -8.91 18.37 6.69
N ARG A 140 -9.67 17.44 7.28
CA ARG A 140 -9.20 16.76 8.48
C ARG A 140 -8.02 15.83 8.16
N LEU A 141 -8.14 15.04 7.09
CA LEU A 141 -7.04 14.19 6.64
C LEU A 141 -5.75 15.00 6.43
N MET A 142 -5.84 16.15 5.74
CA MET A 142 -4.65 16.95 5.48
C MET A 142 -3.94 17.30 6.80
N GLU A 143 -4.70 17.77 7.79
CA GLU A 143 -4.12 18.12 9.08
C GLU A 143 -3.64 16.91 9.86
N GLN A 144 -4.30 15.76 9.68
CA GLN A 144 -3.83 14.54 10.31
C GLN A 144 -2.47 14.17 9.78
N LYS A 145 -2.27 14.31 8.45
CA LYS A 145 -0.96 14.07 7.83
C LYS A 145 0.08 15.06 8.35
N LYS A 146 -0.33 16.32 8.58
CA LYS A 146 0.58 17.28 9.20
C LYS A 146 1.00 16.84 10.60
N PHE A 147 0.05 16.34 11.41
CA PHE A 147 0.38 15.85 12.76
C PHE A 147 1.38 14.71 12.70
N VAL A 148 1.11 13.69 11.88
CA VAL A 148 1.97 12.52 11.84
C VAL A 148 3.36 12.91 11.33
N LYS A 149 3.41 13.67 10.24
CA LYS A 149 4.70 14.05 9.65
C LYS A 149 5.53 14.93 10.58
N GLY A 150 4.88 15.66 11.49
CA GLY A 150 5.62 16.42 12.48
C GLY A 150 6.43 15.56 13.43
N ALA A 151 6.08 14.28 13.58
CA ALA A 151 6.92 13.35 14.30
C ALA A 151 7.92 12.63 13.38
N LEU A 152 7.87 12.87 12.08
CA LEU A 152 8.74 12.16 11.15
C LEU A 152 9.83 13.08 10.64
N THR A 153 10.66 13.56 11.55
CA THR A 153 11.70 14.53 11.22
C THR A 153 13.06 13.86 11.20
N LYS A 154 14.03 14.57 10.61
CA LYS A 154 15.39 14.02 10.52
C LYS A 154 15.97 13.76 11.92
N GLU A 155 15.67 14.63 12.89
CA GLU A 155 16.06 14.37 14.27
C GLU A 155 15.31 13.18 14.86
N ALA A 156 14.07 12.95 14.45
CA ALA A 156 13.42 11.71 14.88
C ALA A 156 14.14 10.51 14.26
N PHE A 157 14.47 10.60 12.98
CA PHE A 157 15.18 9.52 12.29
C PHE A 157 16.53 9.22 12.92
N LYS A 158 17.27 10.24 13.37
CA LYS A 158 18.55 9.97 14.04
C LYS A 158 18.35 9.18 15.32
N SER A 159 17.23 9.37 16.00
CA SER A 159 16.97 8.59 17.19
C SER A 159 16.36 7.23 16.87
N TYR A 160 15.68 7.09 15.73
CA TYR A 160 15.06 5.81 15.40
C TYR A 160 16.08 4.78 14.94
N VAL A 161 17.19 5.23 14.32
CA VAL A 161 18.11 4.29 13.68
C VAL A 161 18.72 3.32 14.71
N PRO A 162 19.34 3.77 15.79
CA PRO A 162 19.81 2.78 16.79
C PRO A 162 18.69 1.89 17.35
N LEU A 163 17.47 2.41 17.50
CA LEU A 163 16.35 1.62 18.02
C LEU A 163 15.96 0.53 17.03
N ILE A 164 15.81 0.90 15.75
CA ILE A 164 15.55 -0.08 14.70
C ILE A 164 16.69 -1.10 14.63
N ALA A 165 17.92 -0.63 14.69
CA ALA A 165 19.07 -1.53 14.64
C ALA A 165 19.02 -2.53 15.80
N GLU A 166 18.70 -2.07 17.00
CA GLU A 166 18.56 -2.97 18.14
C GLU A 166 17.50 -4.04 17.90
N GLU A 167 16.36 -3.65 17.32
CA GLU A 167 15.32 -4.63 17.01
C GLU A 167 15.77 -5.65 15.97
N VAL A 168 16.46 -5.20 14.91
CA VAL A 168 16.92 -6.15 13.90
C VAL A 168 17.85 -7.18 14.55
N TYR A 169 18.78 -6.71 15.38
CA TYR A 169 19.73 -7.63 16.01
C TYR A 169 19.03 -8.53 17.03
N LYS A 170 18.08 -7.97 17.79
CA LYS A 170 17.24 -8.77 18.68
C LYS A 170 16.59 -9.91 17.91
N TYR A 171 16.04 -9.59 16.73
CA TYR A 171 15.36 -10.59 15.92
C TYR A 171 16.34 -11.66 15.41
N PHE A 172 17.54 -11.24 14.96
CA PHE A 172 18.55 -12.25 14.57
C PHE A 172 18.89 -13.16 15.73
N ARG A 173 19.02 -12.59 16.94
CA ARG A 173 19.38 -13.39 18.11
C ARG A 173 18.27 -14.36 18.51
N ASP A 174 17.02 -13.86 18.62
CA ASP A 174 15.99 -14.60 19.34
C ASP A 174 15.00 -15.36 18.45
N SER A 175 14.67 -14.84 17.27
CA SER A 175 13.63 -15.47 16.46
C SER A 175 14.03 -16.88 16.06
N LYS A 176 13.08 -17.81 16.13
CA LYS A 176 13.30 -19.18 15.65
C LYS A 176 13.75 -19.20 14.19
N ASN A 177 13.42 -18.17 13.43
CA ASN A 177 13.80 -18.12 12.03
C ASN A 177 15.30 -17.92 11.85
N PHE A 178 15.98 -17.36 12.84
CA PHE A 178 17.43 -17.16 12.72
C PHE A 178 18.19 -17.88 13.84
N ARG A 179 18.22 -17.31 15.05
CA ARG A 179 19.07 -17.81 16.14
C ARG A 179 20.54 -17.82 15.70
N LEU A 180 21.07 -16.62 15.42
CA LEU A 180 22.41 -16.55 14.86
C LEU A 180 23.49 -16.98 15.87
N ASN A 181 23.19 -16.99 17.18
CA ASN A 181 24.18 -17.48 18.13
C ASN A 181 24.30 -19.00 18.15
N GLU A 182 23.30 -19.70 17.64
CA GLU A 182 23.23 -21.16 17.65
C GLU A 182 23.36 -21.78 16.28
N ARG A 183 22.94 -21.07 15.23
CA ARG A 183 22.94 -21.59 13.87
C ARG A 183 23.68 -20.61 12.97
N THR A 184 24.45 -21.16 12.02
CA THR A 184 25.20 -20.37 11.05
C THR A 184 24.58 -20.40 9.65
N THR A 185 23.54 -21.20 9.45
CA THR A 185 22.81 -21.24 8.18
C THR A 185 21.41 -21.74 8.46
N GLY A 186 20.49 -21.48 7.51
CA GLY A 186 19.10 -21.81 7.74
C GLY A 186 18.24 -21.31 6.60
N THR A 187 16.99 -21.79 6.58
CA THR A 187 16.02 -21.42 5.58
C THR A 187 14.89 -20.61 6.22
N ILE A 188 14.52 -19.49 5.60
CA ILE A 188 13.40 -18.68 6.09
C ILE A 188 12.44 -18.44 4.94
N ASP A 189 11.17 -18.26 5.28
CA ASP A 189 10.15 -17.72 4.41
C ASP A 189 10.13 -16.21 4.61
N VAL A 190 10.47 -15.44 3.57
CA VAL A 190 10.55 -14.00 3.78
C VAL A 190 9.20 -13.40 4.11
N MET A 191 8.10 -14.07 3.71
CA MET A 191 6.78 -13.61 4.08
C MET A 191 6.38 -14.05 5.48
N VAL A 192 7.25 -14.75 6.21
CA VAL A 192 7.10 -14.93 7.65
C VAL A 192 7.99 -13.95 8.41
N THR A 193 9.25 -13.81 8.00
CA THR A 193 10.19 -12.96 8.74
C THR A 193 9.90 -11.47 8.55
N GLN A 194 9.55 -11.05 7.33
CA GLN A 194 9.51 -9.60 7.12
C GLN A 194 8.34 -8.93 7.84
N PRO A 195 7.10 -9.47 7.81
CA PRO A 195 6.07 -8.88 8.68
C PRO A 195 6.48 -8.76 10.13
N GLU A 196 7.14 -9.80 10.70
CA GLU A 196 7.55 -9.73 12.10
C GLU A 196 8.60 -8.65 12.32
N MET A 197 9.65 -8.63 11.48
CA MET A 197 10.69 -7.60 11.60
C MET A 197 10.12 -6.21 11.43
N THR A 198 9.18 -6.08 10.49
CA THR A 198 8.60 -4.77 10.25
C THR A 198 7.84 -4.26 11.48
N ILE A 199 6.95 -5.09 12.06
CA ILE A 199 6.14 -4.61 13.19
C ILE A 199 7.01 -4.37 14.42
N PHE A 200 8.03 -5.23 14.63
CA PHE A 200 8.94 -5.02 15.75
C PHE A 200 9.72 -3.71 15.61
N THR A 201 10.24 -3.42 14.41
CA THR A 201 11.00 -2.17 14.25
C THR A 201 10.08 -0.95 14.25
N ALA A 202 8.90 -1.07 13.63
CA ALA A 202 7.97 0.07 13.58
C ALA A 202 7.34 0.35 14.94
N SER A 203 6.98 -0.70 15.70
CA SER A 203 6.46 -0.51 17.07
C SER A 203 7.46 0.19 17.96
N ARG A 204 8.68 -0.36 18.04
CA ARG A 204 9.70 0.22 18.89
C ARG A 204 9.90 1.71 18.60
N SER A 205 9.99 2.07 17.31
CA SER A 205 10.31 3.46 16.96
C SER A 205 9.09 4.37 16.93
N LEU A 206 8.00 3.98 16.28
CA LEU A 206 6.87 4.92 16.23
C LEU A 206 5.99 4.87 17.49
N LEU A 207 5.77 3.68 18.07
CA LEU A 207 4.87 3.52 19.22
C LEU A 207 5.56 3.61 20.57
N GLY A 208 6.84 3.24 20.66
CA GLY A 208 7.61 3.33 21.88
C GLY A 208 7.84 1.97 22.51
N LYS A 209 8.61 2.00 23.60
CA LYS A 209 9.06 0.74 24.20
C LYS A 209 7.91 -0.03 24.84
N GLU A 210 6.97 0.68 25.50
CA GLU A 210 5.84 -0.01 26.15
C GLU A 210 5.04 -0.82 25.13
N MET A 211 4.65 -0.17 24.03
CA MET A 211 3.85 -0.83 23.00
C MET A 211 4.63 -1.96 22.33
N ARG A 212 5.94 -1.76 22.13
CA ARG A 212 6.76 -2.85 21.60
C ARG A 212 6.79 -4.01 22.58
N ALA A 213 6.85 -3.73 23.87
CA ALA A 213 6.84 -4.80 24.88
C ALA A 213 5.59 -5.66 24.77
N LYS A 214 4.46 -5.09 24.34
CA LYS A 214 3.23 -5.87 24.28
C LYS A 214 3.30 -7.01 23.27
N LEU A 215 4.10 -6.84 22.21
CA LEU A 215 4.13 -7.86 21.16
C LEU A 215 4.89 -9.12 21.59
N ASP A 216 5.63 -9.06 22.70
CA ASP A 216 6.16 -10.27 23.31
C ASP A 216 5.12 -11.04 24.12
N THR A 217 3.87 -10.55 24.23
CA THR A 217 2.82 -11.23 24.99
C THR A 217 1.75 -11.74 24.05
N ASP A 218 0.72 -12.36 24.65
CA ASP A 218 -0.47 -12.79 23.93
C ASP A 218 -1.14 -11.66 23.19
N PHE A 219 -0.89 -10.41 23.59
CA PHE A 219 -1.45 -9.27 22.87
C PHE A 219 -1.08 -9.30 21.39
N ALA A 220 0.04 -9.91 21.03
CA ALA A 220 0.42 -10.04 19.62
C ALA A 220 -0.70 -10.63 18.77
N TYR A 221 -1.50 -11.52 19.35
CA TYR A 221 -2.57 -12.17 18.58
C TYR A 221 -3.59 -11.17 18.09
N LEU A 222 -3.85 -10.11 18.86
CA LEU A 222 -4.81 -9.11 18.40
C LEU A 222 -4.28 -8.38 17.17
N TYR A 223 -2.98 -8.04 17.17
CA TYR A 223 -2.37 -7.49 15.97
C TYR A 223 -2.60 -8.42 14.79
N SER A 224 -2.40 -9.72 14.99
CA SER A 224 -2.68 -10.68 13.92
C SER A 224 -4.15 -10.63 13.50
N ASP A 225 -5.06 -10.61 14.48
CA ASP A 225 -6.48 -10.48 14.17
C ASP A 225 -6.77 -9.22 13.38
N LEU A 226 -6.32 -8.06 13.89
CA LEU A 226 -6.57 -6.81 13.18
C LEU A 226 -5.99 -6.86 11.79
N ASP A 227 -4.80 -7.47 11.64
CA ASP A 227 -4.11 -7.49 10.36
C ASP A 227 -4.90 -8.27 9.30
N LYS A 228 -5.59 -9.34 9.71
CA LYS A 228 -6.45 -10.07 8.78
C LYS A 228 -7.67 -9.27 8.36
N GLY A 229 -8.08 -8.28 9.16
CA GLY A 229 -9.16 -7.40 8.72
C GLY A 229 -8.77 -6.46 7.61
N PHE A 230 -7.46 -6.29 7.36
CA PHE A 230 -6.89 -5.45 6.30
C PHE A 230 -6.90 -6.27 5.02
N THR A 231 -8.01 -6.21 4.26
CA THR A 231 -8.19 -7.02 3.07
C THR A 231 -9.10 -6.29 2.08
N PRO A 232 -8.84 -6.39 0.77
CA PRO A 232 -9.70 -5.69 -0.20
C PRO A 232 -11.13 -6.21 -0.21
N ILE A 233 -11.40 -7.36 0.40
CA ILE A 233 -12.77 -7.81 0.61
C ILE A 233 -13.61 -6.68 1.19
N ASN A 234 -13.04 -5.90 2.12
CA ASN A 234 -13.77 -4.82 2.76
C ASN A 234 -14.40 -3.85 1.76
N PHE A 235 -13.87 -3.80 0.53
CA PHE A 235 -14.54 -3.01 -0.52
C PHE A 235 -15.97 -3.46 -0.74
N VAL A 236 -16.22 -4.77 -0.75
CA VAL A 236 -17.52 -5.34 -1.11
C VAL A 236 -18.30 -5.78 0.13
N PHE A 237 -17.68 -6.55 1.01
CA PHE A 237 -18.24 -6.98 2.29
C PHE A 237 -17.49 -6.36 3.47
N PRO A 238 -17.67 -5.07 3.74
CA PRO A 238 -16.96 -4.47 4.88
C PRO A 238 -17.40 -5.04 6.23
N ASN A 239 -18.68 -5.35 6.37
CA ASN A 239 -19.21 -5.93 7.59
C ASN A 239 -20.05 -7.15 7.25
N LEU A 240 -19.81 -8.23 7.97
CA LEU A 240 -20.50 -9.49 7.80
C LEU A 240 -20.66 -10.12 9.17
N PRO A 241 -21.72 -10.91 9.37
CA PRO A 241 -21.91 -11.56 10.68
C PRO A 241 -21.05 -12.81 10.83
N LEU A 242 -19.85 -12.79 10.25
CA LEU A 242 -18.94 -13.93 10.33
C LEU A 242 -18.01 -13.75 11.53
N GLU A 243 -17.00 -14.60 11.61
CA GLU A 243 -16.09 -14.62 12.75
C GLU A 243 -14.83 -13.79 12.52
N HIS A 244 -14.24 -13.89 11.31
CA HIS A 244 -13.19 -12.98 10.89
C HIS A 244 -13.48 -11.53 11.29
N TYR A 245 -14.72 -11.09 11.04
CA TYR A 245 -15.10 -9.71 11.31
C TYR A 245 -15.18 -9.42 12.80
N ARG A 246 -15.44 -10.45 13.62
CA ARG A 246 -15.60 -10.25 15.06
C ARG A 246 -14.25 -10.05 15.75
N LYS A 247 -13.28 -10.91 15.45
CA LYS A 247 -11.94 -10.72 15.99
C LYS A 247 -11.30 -9.43 15.49
N ARG A 248 -11.56 -9.06 14.24
CA ARG A 248 -11.05 -7.79 13.73
C ARG A 248 -11.53 -6.63 14.59
N ASP A 249 -12.86 -6.52 14.73
CA ASP A 249 -13.47 -5.43 15.50
C ASP A 249 -13.06 -5.48 16.97
N HIS A 250 -13.02 -6.68 17.55
CA HIS A 250 -12.49 -6.83 18.90
C HIS A 250 -11.05 -6.32 18.98
N ALA A 251 -10.22 -6.72 18.01
CA ALA A 251 -8.82 -6.32 18.04
C ALA A 251 -8.67 -4.81 17.94
N GLN A 252 -9.44 -4.18 17.05
CA GLN A 252 -9.42 -2.72 16.93
C GLN A 252 -9.73 -2.06 18.26
N LYS A 253 -10.80 -2.51 18.93
CA LYS A 253 -11.16 -1.97 20.25
C LYS A 253 -10.03 -2.21 21.24
N ALA A 254 -9.53 -3.46 21.30
CA ALA A 254 -8.48 -3.80 22.26
C ALA A 254 -7.19 -3.01 22.01
N ILE A 255 -6.80 -2.87 20.73
CA ILE A 255 -5.54 -2.21 20.44
C ILE A 255 -5.66 -0.70 20.65
N SER A 256 -6.71 -0.08 20.09
CA SER A 256 -6.95 1.33 20.39
C SER A 256 -7.11 1.59 21.88
N GLY A 257 -7.61 0.60 22.63
CA GLY A 257 -7.71 0.75 24.08
C GLY A 257 -6.33 0.81 24.73
N THR A 258 -5.43 -0.07 24.32
CA THR A 258 -4.07 -0.03 24.85
C THR A 258 -3.40 1.31 24.57
N TYR A 259 -3.57 1.85 23.34
CA TYR A 259 -3.03 3.17 23.04
C TYR A 259 -3.66 4.26 23.91
N MET A 260 -5.00 4.28 24.01
CA MET A 260 -5.63 5.29 24.88
C MET A 260 -5.20 5.13 26.34
N SER A 261 -5.07 3.89 26.81
CA SER A 261 -4.53 3.65 28.14
C SER A 261 -3.18 4.35 28.33
N LEU A 262 -2.27 4.20 27.38
CA LEU A 262 -0.96 4.82 27.50
C LEU A 262 -1.04 6.34 27.36
N ILE A 263 -1.86 6.83 26.45
CA ILE A 263 -2.04 8.27 26.30
C ILE A 263 -2.54 8.88 27.61
N LYS A 264 -3.61 8.30 28.17
CA LYS A 264 -4.21 8.87 29.38
C LYS A 264 -3.30 8.73 30.59
N GLU A 265 -2.43 7.71 30.62
CA GLU A 265 -1.48 7.61 31.71
C GLU A 265 -0.30 8.58 31.54
N ARG A 266 0.08 8.88 30.30
CA ARG A 266 1.15 9.86 30.09
C ARG A 266 0.71 11.26 30.48
N ARG A 267 -0.56 11.62 30.22
CA ARG A 267 -1.05 12.95 30.57
C ARG A 267 -1.27 13.10 32.07
N LYS A 268 -1.67 12.04 32.76
CA LYS A 268 -1.89 12.14 34.21
C LYS A 268 -0.58 12.24 34.97
N ASN A 269 0.51 11.69 34.43
CA ASN A 269 1.84 11.85 35.01
C ASN A 269 2.63 12.99 34.38
N ASN A 270 2.05 13.69 33.40
CA ASN A 270 2.79 14.56 32.46
C ASN A 270 4.10 13.92 32.04
N ASP A 271 4.02 12.63 31.69
CA ASP A 271 5.13 11.91 31.07
C ASP A 271 5.11 12.09 29.55
N ILE A 272 5.07 13.34 29.09
CA ILE A 272 4.94 13.67 27.67
C ILE A 272 6.27 14.26 27.19
N GLN A 273 7.06 13.45 26.50
CA GLN A 273 8.39 13.81 25.99
C GLN A 273 8.34 13.94 24.46
N ASP A 274 9.45 13.60 23.81
CA ASP A 274 9.61 13.58 22.35
C ASP A 274 10.05 12.21 21.89
N ARG A 275 9.58 11.16 22.54
CA ARG A 275 10.15 9.83 22.31
C ARG A 275 9.60 9.24 21.01
N ASP A 276 8.28 9.18 20.89
CA ASP A 276 7.65 8.38 19.86
C ASP A 276 6.51 9.17 19.23
N LEU A 277 5.77 8.53 18.31
CA LEU A 277 4.66 9.20 17.66
C LEU A 277 3.52 9.49 18.65
N ILE A 278 3.44 8.71 19.73
CA ILE A 278 2.38 8.91 20.73
C ILE A 278 2.57 10.25 21.45
N ASP A 279 3.75 10.47 22.04
CA ASP A 279 4.08 11.80 22.56
C ASP A 279 3.74 12.89 21.56
N SER A 280 4.10 12.69 20.28
CA SER A 280 3.99 13.74 19.30
C SER A 280 2.54 14.11 19.01
N LEU A 281 1.69 13.12 18.77
CA LEU A 281 0.29 13.42 18.55
C LEU A 281 -0.37 13.97 19.82
N MET A 282 0.08 13.55 21.00
CA MET A 282 -0.46 14.14 22.23
C MET A 282 -0.17 15.64 22.30
N LYS A 283 1.02 16.06 21.88
CA LYS A 283 1.37 17.48 21.93
C LYS A 283 0.84 18.26 20.73
N ASN A 284 0.41 17.59 19.66
CA ASN A 284 0.21 18.28 18.39
C ASN A 284 -0.86 17.51 17.62
N SER A 285 -2.13 17.72 18.00
CA SER A 285 -3.25 17.11 17.31
C SER A 285 -4.50 17.96 17.49
N THR A 286 -4.34 19.28 17.48
CA THR A 286 -5.45 20.23 17.51
C THR A 286 -5.61 20.83 16.12
N TYR A 287 -6.77 20.64 15.52
CA TYR A 287 -7.02 21.19 14.19
C TYR A 287 -6.99 22.73 14.22
N LYS A 288 -6.98 23.32 13.03
CA LYS A 288 -6.90 24.78 12.95
C LYS A 288 -8.18 25.46 13.44
N ASP A 289 -9.34 24.79 13.37
CA ASP A 289 -10.58 25.34 13.88
C ASP A 289 -10.73 25.20 15.40
N GLY A 290 -9.67 24.73 16.08
CA GLY A 290 -9.66 24.62 17.51
C GLY A 290 -10.05 23.26 18.06
N VAL A 291 -10.63 22.38 17.24
CA VAL A 291 -11.04 21.07 17.74
C VAL A 291 -9.80 20.22 18.01
N LYS A 292 -9.73 19.66 19.21
CA LYS A 292 -8.75 18.64 19.50
C LYS A 292 -9.23 17.29 18.96
N MET A 293 -8.27 16.48 18.48
CA MET A 293 -8.55 15.06 18.27
C MET A 293 -8.86 14.41 19.62
N THR A 294 -9.82 13.50 19.64
CA THR A 294 -10.04 12.74 20.86
C THR A 294 -8.94 11.72 21.05
N ASP A 295 -8.83 11.20 22.27
CA ASP A 295 -7.90 10.11 22.51
C ASP A 295 -8.24 8.89 21.66
N GLN A 296 -9.53 8.66 21.40
CA GLN A 296 -9.91 7.58 20.49
C GLN A 296 -9.43 7.85 19.05
N GLU A 297 -9.59 9.09 18.56
CA GLU A 297 -9.17 9.39 17.19
C GLU A 297 -7.65 9.32 17.05
N ILE A 298 -6.92 9.83 18.05
CA ILE A 298 -5.47 9.73 18.07
C ILE A 298 -5.02 8.27 18.02
N ALA A 299 -5.64 7.42 18.83
CA ALA A 299 -5.31 5.99 18.80
C ALA A 299 -5.65 5.37 17.44
N ASN A 300 -6.77 5.78 16.83
CA ASN A 300 -7.15 5.23 15.54
C ASN A 300 -6.18 5.66 14.44
N LEU A 301 -5.69 6.91 14.52
CA LEU A 301 -4.73 7.39 13.54
C LEU A 301 -3.41 6.64 13.67
N LEU A 302 -3.03 6.28 14.91
CA LEU A 302 -1.85 5.45 15.15
C LEU A 302 -2.00 4.09 14.46
N ILE A 303 -3.17 3.47 14.58
CA ILE A 303 -3.41 2.19 13.93
C ILE A 303 -3.32 2.34 12.41
N GLY A 304 -3.87 3.42 11.87
CA GLY A 304 -3.82 3.61 10.43
C GLY A 304 -2.39 3.77 9.93
N VAL A 305 -1.59 4.55 10.65
CA VAL A 305 -0.23 4.83 10.21
C VAL A 305 0.64 3.57 10.33
N LEU A 306 0.59 2.91 11.49
CA LEU A 306 1.32 1.66 11.69
C LEU A 306 0.87 0.57 10.72
N MET A 307 -0.43 0.52 10.40
CA MET A 307 -0.91 -0.56 9.55
C MET A 307 -0.53 -0.34 8.09
N GLY A 308 -0.60 0.90 7.62
CA GLY A 308 -0.23 1.18 6.25
C GLY A 308 1.24 0.96 6.00
N GLY A 309 2.09 1.57 6.83
CA GLY A 309 3.52 1.33 6.73
C GLY A 309 3.93 -0.11 6.96
N GLN A 310 3.12 -0.87 7.71
CA GLN A 310 3.44 -2.28 7.92
C GLN A 310 3.42 -3.06 6.62
N HIS A 311 2.34 -2.90 5.83
CA HIS A 311 2.20 -3.76 4.65
C HIS A 311 3.06 -3.28 3.47
N THR A 312 3.21 -1.97 3.25
CA THR A 312 4.11 -1.53 2.18
C THR A 312 5.55 -1.90 2.50
N SER A 313 5.98 -1.68 3.75
CA SER A 313 7.38 -1.91 4.12
C SER A 313 7.71 -3.40 4.14
N ALA A 314 6.86 -4.21 4.79
CA ALA A 314 7.12 -5.64 4.86
C ALA A 314 7.16 -6.25 3.46
N ALA A 315 6.26 -5.81 2.59
CA ALA A 315 6.35 -6.34 1.24
C ALA A 315 7.62 -5.87 0.54
N THR A 316 8.09 -4.66 0.85
CA THR A 316 9.25 -4.16 0.11
C THR A 316 10.54 -4.85 0.58
N SER A 317 10.69 -5.11 1.90
CA SER A 317 11.90 -5.81 2.29
C SER A 317 11.88 -7.26 1.83
N ALA A 318 10.70 -7.86 1.73
CA ALA A 318 10.61 -9.19 1.17
C ALA A 318 11.12 -9.20 -0.27
N TRP A 319 10.62 -8.27 -1.09
CA TRP A 319 11.06 -8.17 -2.48
C TRP A 319 12.56 -7.89 -2.60
N ILE A 320 13.12 -7.05 -1.73
CA ILE A 320 14.54 -6.74 -1.82
C ILE A 320 15.36 -8.01 -1.62
N LEU A 321 15.00 -8.79 -0.59
CA LEU A 321 15.68 -10.05 -0.30
C LEU A 321 15.51 -11.02 -1.45
N LEU A 322 14.30 -11.09 -2.01
CA LEU A 322 14.07 -12.04 -3.10
C LEU A 322 14.89 -11.68 -4.34
N HIS A 323 14.97 -10.40 -4.71
CA HIS A 323 15.79 -10.03 -5.86
C HIS A 323 17.27 -10.21 -5.57
N LEU A 324 17.72 -9.86 -4.37
CA LEU A 324 19.15 -9.99 -4.10
C LEU A 324 19.56 -11.44 -3.97
N ALA A 325 18.64 -12.33 -3.57
CA ALA A 325 18.96 -13.75 -3.41
C ALA A 325 19.52 -14.39 -4.68
N GLU A 326 19.14 -13.90 -5.87
CA GLU A 326 19.72 -14.40 -7.11
C GLU A 326 20.76 -13.44 -7.68
N ARG A 327 21.24 -12.50 -6.89
CA ARG A 327 22.20 -11.50 -7.37
C ARG A 327 23.30 -11.36 -6.33
N PRO A 328 24.16 -12.38 -6.21
CA PRO A 328 25.32 -12.24 -5.31
C PRO A 328 26.28 -11.16 -5.74
N ASP A 329 26.26 -10.78 -7.04
CA ASP A 329 27.04 -9.62 -7.48
C ASP A 329 26.59 -8.35 -6.77
N VAL A 330 25.27 -8.12 -6.73
CA VAL A 330 24.71 -6.95 -6.02
C VAL A 330 24.96 -7.03 -4.51
N GLN A 331 24.78 -8.21 -3.88
CA GLN A 331 25.11 -8.30 -2.45
C GLN A 331 26.57 -7.95 -2.19
N GLN A 332 27.46 -8.47 -3.03
CA GLN A 332 28.89 -8.15 -2.93
C GLN A 332 29.13 -6.65 -3.06
N GLU A 333 28.54 -6.03 -4.08
CA GLU A 333 28.72 -4.59 -4.26
C GLU A 333 28.15 -3.79 -3.08
N LEU A 334 26.98 -4.19 -2.55
CA LEU A 334 26.43 -3.52 -1.37
C LEU A 334 27.32 -3.70 -0.14
N TYR A 335 27.89 -4.91 0.03
CA TYR A 335 28.76 -5.15 1.17
C TYR A 335 30.00 -4.25 1.15
N GLU A 336 30.62 -4.10 -0.03
CA GLU A 336 31.77 -3.20 -0.15
C GLU A 336 31.40 -1.77 0.27
N GLU A 337 30.22 -1.28 -0.15
CA GLU A 337 29.77 0.04 0.28
C GLU A 337 29.65 0.11 1.80
N GLN A 338 29.11 -0.97 2.42
CA GLN A 338 29.00 -1.00 3.87
C GLN A 338 30.39 -0.94 4.52
N MET A 339 31.38 -1.66 3.99
CA MET A 339 32.72 -1.63 4.59
C MET A 339 33.37 -0.26 4.43
N ARG A 340 33.21 0.36 3.26
CA ARG A 340 33.76 1.70 3.03
C ARG A 340 33.08 2.74 3.92
N VAL A 341 31.74 2.80 3.91
CA VAL A 341 31.06 3.87 4.64
C VAL A 341 31.20 3.70 6.15
N LEU A 342 31.27 2.46 6.65
CA LEU A 342 31.30 2.26 8.10
C LEU A 342 32.68 1.84 8.61
N ASP A 343 33.74 2.16 7.89
CA ASP A 343 35.10 1.83 8.31
C ASP A 343 35.22 0.37 8.71
N GLY A 344 34.90 -0.51 7.76
CA GLY A 344 34.94 -1.94 8.02
C GLY A 344 34.04 -2.40 9.14
N GLY A 345 32.98 -1.66 9.45
CA GLY A 345 32.08 -2.01 10.54
C GLY A 345 32.42 -1.39 11.88
N LYS A 346 33.49 -0.60 11.95
CA LYS A 346 33.88 0.05 13.20
C LYS A 346 33.24 1.43 13.39
N LYS A 347 32.31 1.82 12.52
CA LYS A 347 31.47 2.98 12.74
C LYS A 347 30.06 2.50 13.00
N GLU A 348 29.42 3.07 14.04
CA GLU A 348 28.03 2.74 14.32
C GLU A 348 27.14 3.36 13.26
N LEU A 349 26.18 2.57 12.80
CA LEU A 349 25.28 3.05 11.76
C LEU A 349 24.43 4.18 12.33
N THR A 350 24.38 5.30 11.60
CA THR A 350 23.58 6.47 11.96
C THR A 350 22.73 6.89 10.77
N TYR A 351 21.71 7.69 11.05
CA TYR A 351 20.91 8.25 9.95
C TYR A 351 21.78 8.97 8.93
N ASP A 352 22.75 9.75 9.39
CA ASP A 352 23.63 10.47 8.47
C ASP A 352 24.42 9.51 7.58
N LEU A 353 24.97 8.45 8.16
CA LEU A 353 25.76 7.51 7.37
C LEU A 353 24.88 6.76 6.38
N LEU A 354 23.59 6.55 6.70
CA LEU A 354 22.65 5.95 5.74
C LEU A 354 22.54 6.80 4.48
N GLN A 355 22.61 8.14 4.61
CA GLN A 355 22.53 8.98 3.42
C GLN A 355 23.79 8.92 2.57
N GLU A 356 24.87 8.36 3.09
CA GLU A 356 26.11 8.18 2.35
C GLU A 356 26.21 6.80 1.73
N MET A 357 25.09 6.08 1.59
CA MET A 357 25.05 4.72 1.05
C MET A 357 24.22 4.71 -0.22
N PRO A 358 24.72 5.30 -1.31
CA PRO A 358 23.84 5.48 -2.49
C PRO A 358 23.38 4.17 -3.09
N LEU A 359 24.24 3.14 -3.11
CA LEU A 359 23.84 1.86 -3.72
C LEU A 359 22.75 1.17 -2.89
N LEU A 360 22.85 1.23 -1.56
CA LEU A 360 21.78 0.67 -0.72
C LEU A 360 20.46 1.38 -1.00
N ASN A 361 20.47 2.72 -1.00
CA ASN A 361 19.26 3.47 -1.32
C ASN A 361 18.76 3.23 -2.74
N GLN A 362 19.67 3.02 -3.69
CA GLN A 362 19.26 2.71 -5.06
C GLN A 362 18.63 1.33 -5.17
N THR A 363 19.05 0.40 -4.30
CA THR A 363 18.43 -0.93 -4.25
C THR A 363 16.99 -0.86 -3.77
N ILE A 364 16.74 -0.10 -2.71
CA ILE A 364 15.36 0.18 -2.30
C ILE A 364 14.60 0.84 -3.46
N LYS A 365 15.22 1.86 -4.08
CA LYS A 365 14.55 2.63 -5.14
C LYS A 365 14.17 1.72 -6.31
N GLU A 366 15.07 0.80 -6.70
CA GLU A 366 14.81 -0.10 -7.82
C GLU A 366 13.79 -1.17 -7.46
N THR A 367 13.82 -1.64 -6.22
CA THR A 367 12.80 -2.60 -5.79
C THR A 367 11.43 -1.95 -5.83
N LEU A 368 11.34 -0.70 -5.35
CA LEU A 368 10.06 -0.01 -5.42
C LEU A 368 9.63 0.29 -6.85
N ARG A 369 10.58 0.33 -7.82
CA ARG A 369 10.15 0.48 -9.21
C ARG A 369 9.53 -0.82 -9.70
N MET A 370 10.20 -1.95 -9.47
CA MET A 370 9.66 -3.20 -9.99
C MET A 370 8.47 -3.72 -9.17
N HIS A 371 8.32 -3.29 -7.94
CA HIS A 371 7.22 -3.77 -7.09
C HIS A 371 6.58 -2.59 -6.37
N HIS A 372 5.82 -1.81 -7.10
CA HIS A 372 5.03 -0.77 -6.48
C HIS A 372 4.02 -1.45 -5.57
N PRO A 373 4.00 -1.17 -4.27
CA PRO A 373 3.08 -1.89 -3.37
C PRO A 373 1.61 -1.75 -3.73
N LEU A 374 1.21 -0.64 -4.35
CA LEU A 374 -0.20 -0.36 -4.65
C LEU A 374 -0.33 -0.23 -6.17
N HIS A 375 -0.81 -1.29 -6.84
CA HIS A 375 -0.89 -1.27 -8.29
C HIS A 375 -1.95 -0.32 -8.81
N SER A 376 -2.95 0.04 -8.00
CA SER A 376 -4.06 0.86 -8.46
C SER A 376 -4.48 1.80 -7.34
N LEU A 377 -4.58 3.08 -7.66
CA LEU A 377 -5.13 4.04 -6.71
C LEU A 377 -6.46 4.55 -7.28
N PHE A 378 -7.47 4.65 -6.42
CA PHE A 378 -8.84 4.95 -6.81
C PHE A 378 -9.25 6.34 -6.32
N ARG A 379 -10.14 6.97 -7.09
CA ARG A 379 -10.93 8.12 -6.66
C ARG A 379 -12.34 7.96 -7.20
N LYS A 380 -13.33 8.41 -6.43
CA LYS A 380 -14.69 8.49 -6.96
C LYS A 380 -14.88 9.85 -7.63
N VAL A 381 -15.41 9.84 -8.84
CA VAL A 381 -15.62 11.09 -9.57
C VAL A 381 -16.89 11.77 -9.05
N MET A 382 -16.75 12.99 -8.56
CA MET A 382 -17.86 13.67 -7.91
C MET A 382 -18.62 14.59 -8.87
N LYS A 383 -17.95 15.20 -9.85
CA LYS A 383 -18.66 15.92 -10.88
C LYS A 383 -17.94 15.72 -12.21
N ASP A 384 -18.69 15.93 -13.30
CA ASP A 384 -18.22 15.51 -14.62
C ASP A 384 -16.86 16.12 -14.94
N MET A 385 -15.99 15.30 -15.49
CA MET A 385 -14.62 15.67 -15.77
C MET A 385 -14.38 15.57 -17.27
N HIS A 386 -13.86 16.64 -17.86
CA HIS A 386 -13.45 16.60 -19.26
C HIS A 386 -11.98 16.18 -19.33
N VAL A 387 -11.70 15.18 -20.14
CA VAL A 387 -10.34 14.68 -20.30
C VAL A 387 -9.65 15.53 -21.36
N PRO A 388 -8.68 16.36 -20.98
CA PRO A 388 -8.12 17.35 -21.91
C PRO A 388 -7.60 16.69 -23.17
N ASN A 389 -7.73 17.41 -24.27
CA ASN A 389 -7.32 16.98 -25.61
C ASN A 389 -8.06 15.73 -26.05
N THR A 390 -9.23 15.49 -25.50
CA THR A 390 -10.16 14.50 -26.02
C THR A 390 -11.55 15.09 -25.97
N SER A 391 -12.50 14.37 -26.56
CA SER A 391 -13.91 14.66 -26.39
C SER A 391 -14.52 13.92 -25.21
N TYR A 392 -13.68 13.30 -24.36
CA TYR A 392 -14.16 12.40 -23.32
C TYR A 392 -14.67 13.17 -22.10
N VAL A 393 -15.81 12.74 -21.59
CA VAL A 393 -16.33 13.21 -20.30
C VAL A 393 -16.48 12.00 -19.40
N ILE A 394 -15.87 12.06 -18.21
CA ILE A 394 -16.06 11.05 -17.18
C ILE A 394 -17.16 11.55 -16.26
N PRO A 395 -18.37 10.97 -16.30
CA PRO A 395 -19.48 11.51 -15.51
C PRO A 395 -19.32 11.17 -14.05
N ALA A 396 -19.94 12.02 -13.21
CA ALA A 396 -19.97 11.78 -11.79
C ALA A 396 -20.54 10.39 -11.50
N GLY A 397 -20.05 9.76 -10.43
CA GLY A 397 -20.42 8.40 -10.11
C GLY A 397 -19.55 7.35 -10.75
N TYR A 398 -18.75 7.71 -11.75
CA TYR A 398 -17.65 6.84 -12.15
C TYR A 398 -16.55 6.89 -11.09
N HIS A 399 -15.57 6.00 -11.27
CA HIS A 399 -14.32 6.08 -10.54
C HIS A 399 -13.16 6.23 -11.53
N VAL A 400 -12.09 6.89 -11.08
CA VAL A 400 -10.86 6.97 -11.86
C VAL A 400 -9.81 6.11 -11.16
N LEU A 401 -8.96 5.47 -11.97
CA LEU A 401 -7.97 4.51 -11.53
C LEU A 401 -6.63 4.95 -12.08
N VAL A 402 -5.67 5.22 -11.21
CA VAL A 402 -4.33 5.63 -11.62
C VAL A 402 -3.35 4.53 -11.21
N SER A 403 -2.36 4.26 -12.07
CA SER A 403 -1.46 3.11 -11.90
C SER A 403 -0.03 3.45 -12.29
N PRO A 404 0.67 4.24 -11.46
CA PRO A 404 2.09 4.47 -11.74
C PRO A 404 2.89 3.17 -11.72
N GLY A 405 2.51 2.20 -10.88
CA GLY A 405 3.18 0.90 -10.91
C GLY A 405 3.22 0.26 -12.27
N TYR A 406 2.20 0.49 -13.10
CA TYR A 406 2.23 -0.04 -14.47
C TYR A 406 3.28 0.67 -15.31
N THR A 407 3.44 1.98 -15.14
CA THR A 407 4.43 2.73 -15.91
C THR A 407 5.85 2.39 -15.48
N HIS A 408 6.03 2.10 -14.18
CA HIS A 408 7.31 1.60 -13.67
C HIS A 408 7.85 0.47 -14.52
N LEU A 409 6.98 -0.33 -15.12
CA LEU A 409 7.40 -1.55 -15.83
C LEU A 409 7.35 -1.41 -17.34
N ARG A 410 7.31 -0.19 -17.87
CA ARG A 410 7.31 0.02 -19.32
C ARG A 410 8.71 0.35 -19.84
N ASP A 411 9.14 -0.37 -20.88
CA ASP A 411 10.46 -0.15 -21.48
C ASP A 411 10.64 1.29 -21.95
N GLU A 412 9.56 1.96 -22.39
CA GLU A 412 9.69 3.32 -22.92
C GLU A 412 10.15 4.29 -21.87
N TYR A 413 9.80 4.08 -20.60
CA TYR A 413 10.26 4.97 -19.54
C TYR A 413 11.38 4.38 -18.69
N PHE A 414 11.62 3.07 -18.78
CA PHE A 414 12.67 2.42 -18.01
C PHE A 414 13.25 1.33 -18.89
N PRO A 415 14.34 1.62 -19.60
CA PRO A 415 14.89 0.64 -20.53
C PRO A 415 15.11 -0.69 -19.84
N ASN A 416 14.67 -1.77 -20.48
CA ASN A 416 14.78 -3.13 -19.93
C ASN A 416 14.07 -3.21 -18.59
N ALA A 417 12.80 -2.79 -18.59
CA ALA A 417 12.06 -2.54 -17.36
C ALA A 417 11.93 -3.78 -16.48
N HIS A 418 11.95 -4.97 -17.07
CA HIS A 418 11.81 -6.18 -16.29
C HIS A 418 13.15 -6.71 -15.77
N GLN A 419 14.23 -5.96 -15.96
CA GLN A 419 15.52 -6.27 -15.38
C GLN A 419 15.70 -5.49 -14.09
N PHE A 420 16.12 -6.18 -13.03
CA PHE A 420 16.50 -5.54 -11.78
C PHE A 420 17.91 -4.98 -11.96
N ASN A 421 18.03 -3.65 -11.97
CA ASN A 421 19.33 -3.00 -12.19
C ASN A 421 19.38 -1.74 -11.34
N ILE A 422 20.09 -1.82 -10.21
CA ILE A 422 20.15 -0.68 -9.32
C ILE A 422 20.97 0.45 -9.93
N HIS A 423 21.74 0.15 -10.98
CA HIS A 423 22.61 1.17 -11.55
C HIS A 423 21.86 2.07 -12.53
N ARG A 424 20.60 1.77 -12.87
CA ARG A 424 19.82 2.79 -13.55
C ARG A 424 19.60 4.04 -12.67
N TRP A 425 19.84 3.97 -11.35
CA TRP A 425 19.71 5.13 -10.47
C TRP A 425 21.06 5.74 -10.07
N ASN A 426 22.14 5.41 -10.78
CA ASN A 426 23.44 6.04 -10.51
C ASN A 426 23.34 7.57 -10.51
N ASN A 427 23.87 8.17 -9.45
CA ASN A 427 23.77 9.63 -9.20
C ASN A 427 22.31 10.10 -9.21
N ASP A 428 21.44 9.28 -8.62
CA ASP A 428 20.02 9.58 -8.46
C ASP A 428 19.43 8.61 -7.45
N SER A 429 19.99 8.58 -6.24
CA SER A 429 19.61 7.62 -5.22
C SER A 429 18.57 8.16 -4.25
N ALA A 430 18.05 9.36 -4.51
CA ALA A 430 17.05 9.95 -3.60
C ALA A 430 15.72 9.23 -3.72
N SER A 431 15.09 8.98 -2.57
CA SER A 431 13.82 8.24 -2.53
C SER A 431 12.81 8.80 -3.54
N SER A 432 12.92 10.08 -3.87
CA SER A 432 12.19 10.80 -4.90
C SER A 432 12.74 12.22 -4.84
N TYR A 433 12.39 13.04 -5.81
CA TYR A 433 12.77 14.45 -5.74
C TYR A 433 11.88 15.29 -6.64
N SER A 434 11.35 16.37 -6.08
CA SER A 434 10.51 17.32 -6.82
C SER A 434 11.30 17.99 -7.95
N VAL A 435 10.91 17.72 -9.20
CA VAL A 435 11.66 18.18 -10.38
C VAL A 435 11.45 19.67 -10.66
N GLY A 436 10.69 20.38 -9.82
CA GLY A 436 10.52 21.82 -9.97
C GLY A 436 9.75 22.52 -8.86
N GLU A 437 8.59 23.08 -9.22
CA GLU A 437 7.81 23.88 -8.29
C GLU A 437 7.08 23.01 -7.26
N GLU A 438 6.90 23.58 -6.07
CA GLU A 438 6.22 22.88 -4.98
C GLU A 438 4.89 23.55 -4.64
N VAL A 439 4.02 22.76 -4.00
CA VAL A 439 2.74 23.22 -3.45
C VAL A 439 2.54 22.50 -2.12
N ASP A 440 1.73 23.10 -1.26
CA ASP A 440 1.50 22.60 0.09
C ASP A 440 0.00 22.51 0.29
N TYR A 441 -0.51 21.29 0.51
CA TYR A 441 -1.93 21.04 0.69
C TYR A 441 -2.35 21.03 2.15
N GLY A 442 -1.43 21.32 3.06
CA GLY A 442 -1.77 21.31 4.46
C GLY A 442 -0.81 20.48 5.27
N PHE A 443 0.05 19.71 4.61
CA PHE A 443 1.01 18.91 5.34
C PHE A 443 2.43 19.16 4.87
N GLY A 444 2.67 20.20 4.07
CA GLY A 444 4.03 20.57 3.74
C GLY A 444 4.26 20.70 2.25
N ALA A 445 5.31 21.41 1.86
CA ALA A 445 5.60 21.58 0.45
C ALA A 445 5.94 20.23 -0.17
N ILE A 446 5.24 19.88 -1.25
CA ILE A 446 5.51 18.69 -2.03
C ILE A 446 5.49 19.09 -3.51
N SER A 447 5.95 18.20 -4.37
CA SER A 447 6.07 18.53 -5.78
C SER A 447 4.72 18.86 -6.40
N LYS A 448 4.71 19.91 -7.24
CA LYS A 448 3.47 20.34 -7.86
C LYS A 448 3.11 19.46 -9.06
N GLY A 449 4.04 19.22 -9.98
CA GLY A 449 3.81 18.27 -11.04
C GLY A 449 3.90 16.84 -10.54
N VAL A 450 3.07 15.97 -11.11
CA VAL A 450 3.12 14.54 -10.82
C VAL A 450 3.19 13.81 -12.15
N SER A 451 4.01 14.31 -13.07
CA SER A 451 4.16 13.68 -14.38
C SER A 451 5.37 12.74 -14.43
N SER A 452 6.09 12.58 -13.33
CA SER A 452 7.18 11.61 -13.32
C SER A 452 6.65 10.21 -13.61
N PRO A 453 7.31 9.45 -14.49
CA PRO A 453 6.91 8.04 -14.67
C PRO A 453 7.18 7.17 -13.45
N TYR A 454 7.99 7.66 -12.51
CA TYR A 454 8.32 6.96 -11.27
C TYR A 454 7.59 7.66 -10.14
N LEU A 455 6.56 7.00 -9.60
CA LEU A 455 5.73 7.59 -8.53
C LEU A 455 5.40 6.55 -7.46
N PRO A 456 6.41 5.98 -6.81
CA PRO A 456 6.12 4.97 -5.78
C PRO A 456 5.31 5.51 -4.60
N PHE A 457 5.32 6.82 -4.35
CA PHE A 457 4.63 7.39 -3.21
C PHE A 457 3.44 8.24 -3.62
N GLY A 458 2.93 8.06 -4.83
CA GLY A 458 1.88 8.85 -5.42
C GLY A 458 2.25 10.31 -5.54
N GLY A 459 1.24 11.17 -5.50
CA GLY A 459 1.42 12.60 -5.65
C GLY A 459 0.13 13.35 -5.40
N GLY A 460 0.25 14.68 -5.30
CA GLY A 460 -0.92 15.49 -5.01
C GLY A 460 -1.30 15.39 -3.54
N ARG A 461 -2.55 15.76 -3.25
CA ARG A 461 -2.97 15.92 -1.85
C ARG A 461 -2.95 14.59 -1.09
N HIS A 462 -3.06 13.47 -1.78
CA HIS A 462 -3.09 12.16 -1.12
C HIS A 462 -1.72 11.48 -1.11
N ARG A 463 -0.64 12.25 -1.24
CA ARG A 463 0.71 11.70 -1.38
C ARG A 463 1.20 11.13 -0.05
N CYS A 464 2.01 10.08 -0.14
CA CYS A 464 2.53 9.44 1.05
C CYS A 464 3.34 10.42 1.90
N ILE A 465 3.22 10.29 3.23
CA ILE A 465 4.13 10.98 4.14
C ILE A 465 5.08 10.01 4.81
N GLY A 466 5.09 8.73 4.41
CA GLY A 466 5.94 7.72 5.03
C GLY A 466 7.25 7.46 4.34
N GLU A 467 7.56 8.19 3.27
CA GLU A 467 8.68 7.84 2.41
C GLU A 467 9.99 7.82 3.19
N HIS A 468 10.24 8.87 3.97
CA HIS A 468 11.52 8.94 4.67
C HIS A 468 11.55 7.96 5.82
N PHE A 469 10.40 7.69 6.45
CA PHE A 469 10.39 6.63 7.45
C PHE A 469 10.67 5.27 6.81
N ALA A 470 10.05 5.00 5.65
CA ALA A 470 10.26 3.71 5.01
C ALA A 470 11.72 3.50 4.61
N TYR A 471 12.37 4.53 4.08
CA TYR A 471 13.78 4.42 3.69
C TYR A 471 14.69 4.31 4.90
N CYS A 472 14.33 4.98 6.00
CA CYS A 472 15.09 4.82 7.23
C CYS A 472 15.03 3.38 7.70
N GLN A 473 13.80 2.87 7.88
CA GLN A 473 13.55 1.50 8.32
C GLN A 473 14.18 0.48 7.37
N LEU A 474 13.86 0.57 6.08
CA LEU A 474 14.41 -0.35 5.09
C LEU A 474 15.93 -0.25 5.04
N GLY A 475 16.47 0.96 5.22
CA GLY A 475 17.91 1.14 5.14
C GLY A 475 18.66 0.50 6.30
N VAL A 476 18.20 0.78 7.52
CA VAL A 476 18.80 0.12 8.68
C VAL A 476 18.66 -1.40 8.55
N LEU A 477 17.47 -1.87 8.18
CA LEU A 477 17.26 -3.31 8.05
C LEU A 477 18.21 -3.94 7.04
N MET A 478 18.36 -3.33 5.86
CA MET A 478 19.16 -3.95 4.79
C MET A 478 20.64 -3.75 5.01
N SER A 479 21.04 -2.65 5.65
CA SER A 479 22.44 -2.50 6.02
C SER A 479 22.90 -3.63 6.93
N ILE A 480 22.05 -4.03 7.90
CA ILE A 480 22.39 -5.12 8.84
C ILE A 480 22.30 -6.48 8.16
N PHE A 481 21.25 -6.70 7.35
CA PHE A 481 21.20 -7.94 6.58
C PHE A 481 22.47 -8.13 5.77
N ILE A 482 22.84 -7.12 4.96
CA ILE A 482 24.04 -7.19 4.12
C ILE A 482 25.27 -7.50 4.95
N ARG A 483 25.47 -6.76 6.04
CA ARG A 483 26.70 -6.92 6.81
C ARG A 483 26.74 -8.25 7.54
N THR A 484 25.58 -8.83 7.87
CA THR A 484 25.51 -10.04 8.67
C THR A 484 25.46 -11.31 7.84
N LEU A 485 24.72 -11.30 6.74
CA LEU A 485 24.36 -12.51 6.03
C LEU A 485 24.66 -12.40 4.55
N LYS A 486 24.94 -13.54 3.94
CA LYS A 486 24.72 -13.79 2.52
C LYS A 486 23.47 -14.64 2.41
N TRP A 487 22.86 -14.66 1.23
CA TRP A 487 21.70 -15.54 1.06
C TRP A 487 21.49 -15.80 -0.42
N HIS A 488 20.75 -16.89 -0.69
CA HIS A 488 20.54 -17.36 -2.06
C HIS A 488 19.28 -18.21 -2.10
N TYR A 489 18.90 -18.65 -3.35
CA TYR A 489 17.65 -19.41 -3.42
C TYR A 489 17.88 -20.90 -3.17
N PRO A 490 16.86 -21.60 -2.67
CA PRO A 490 16.85 -23.04 -2.80
C PRO A 490 16.94 -23.41 -4.28
N GLU A 491 17.44 -24.62 -4.52
CA GLU A 491 17.79 -25.05 -5.86
C GLU A 491 16.60 -24.91 -6.81
N GLY A 492 16.83 -24.27 -7.95
CA GLY A 492 15.80 -24.11 -8.96
C GLY A 492 14.71 -23.11 -8.65
N LYS A 493 14.78 -22.37 -7.55
CA LYS A 493 13.83 -21.32 -7.23
C LYS A 493 14.28 -19.97 -7.78
N THR A 494 13.32 -19.05 -7.90
CA THR A 494 13.63 -17.70 -8.37
C THR A 494 12.56 -16.75 -7.83
N VAL A 495 12.60 -15.50 -8.27
CA VAL A 495 11.69 -14.45 -7.78
C VAL A 495 10.25 -14.86 -8.03
N PRO A 496 9.39 -14.93 -7.02
CA PRO A 496 7.99 -15.31 -7.24
C PRO A 496 7.23 -14.20 -7.94
N PRO A 497 6.06 -14.51 -8.52
CA PRO A 497 5.18 -13.46 -9.06
C PRO A 497 4.39 -12.79 -7.94
N PRO A 498 3.95 -11.55 -8.13
CA PRO A 498 3.23 -10.85 -7.07
C PRO A 498 1.84 -11.43 -6.87
N ASP A 499 1.30 -11.18 -5.67
CA ASP A 499 -0.10 -11.49 -5.36
C ASP A 499 -0.87 -10.19 -5.48
N PHE A 500 -1.51 -9.98 -6.64
CA PHE A 500 -2.21 -8.72 -6.86
C PHE A 500 -3.59 -8.68 -6.20
N THR A 501 -4.12 -9.81 -5.73
CA THR A 501 -5.41 -9.80 -5.06
C THR A 501 -5.33 -9.22 -3.65
N SER A 502 -4.12 -8.97 -3.14
CA SER A 502 -3.95 -8.65 -1.74
C SER A 502 -3.98 -7.14 -1.50
N MET A 503 -3.76 -6.76 -0.23
CA MET A 503 -3.77 -5.34 0.11
C MET A 503 -2.55 -4.60 -0.49
N VAL A 504 -1.38 -5.24 -0.55
CA VAL A 504 -0.25 -4.75 -1.32
C VAL A 504 0.19 -5.88 -2.25
N THR A 505 1.04 -5.54 -3.23
CA THR A 505 1.49 -6.50 -4.23
C THR A 505 2.63 -7.35 -3.67
N LEU A 506 2.36 -8.02 -2.55
CA LEU A 506 3.37 -8.85 -1.88
C LEU A 506 3.69 -10.08 -2.70
N PRO A 507 4.85 -10.69 -2.48
CA PRO A 507 5.20 -11.88 -3.25
C PRO A 507 4.27 -13.04 -2.92
N THR A 508 4.00 -13.86 -3.93
CA THR A 508 3.28 -15.11 -3.73
C THR A 508 4.16 -16.07 -2.93
N GLY A 509 3.66 -16.54 -1.80
CA GLY A 509 4.43 -17.40 -0.93
C GLY A 509 4.04 -18.85 -0.99
N PRO A 510 4.76 -19.71 -0.23
CA PRO A 510 5.97 -19.33 0.50
C PRO A 510 7.12 -19.03 -0.45
N ALA A 511 7.96 -18.09 -0.06
CA ALA A 511 9.07 -17.61 -0.89
C ALA A 511 10.29 -17.72 0.02
N LYS A 512 11.05 -18.80 -0.14
CA LYS A 512 12.09 -19.13 0.82
C LYS A 512 13.46 -18.75 0.29
N ILE A 513 14.32 -18.31 1.21
CA ILE A 513 15.72 -18.07 0.93
C ILE A 513 16.55 -18.79 2.00
N ILE A 514 17.77 -19.15 1.64
CA ILE A 514 18.73 -19.79 2.53
C ILE A 514 19.77 -18.74 2.89
N TRP A 515 19.83 -18.34 4.15
CA TRP A 515 20.84 -17.43 4.65
C TRP A 515 22.03 -18.20 5.23
N GLU A 516 23.17 -17.52 5.31
CA GLU A 516 24.36 -18.06 5.95
C GLU A 516 25.14 -16.89 6.54
N LYS A 517 25.74 -17.12 7.71
CA LYS A 517 26.45 -16.04 8.38
C LYS A 517 27.73 -15.70 7.63
N ARG A 518 27.98 -14.40 7.46
CA ARG A 518 29.25 -13.99 6.88
C ARG A 518 30.39 -14.32 7.83
N ASN A 519 30.10 -14.28 9.12
CA ASN A 519 31.05 -14.53 10.19
C ASN A 519 30.39 -15.56 11.10
N PRO A 520 30.65 -16.86 10.87
CA PRO A 520 30.01 -17.89 11.70
C PRO A 520 30.18 -17.70 13.20
N GLU A 521 31.29 -17.12 13.65
CA GLU A 521 31.59 -17.02 15.07
C GLU A 521 31.09 -15.73 15.71
N GLN A 522 30.56 -14.79 14.92
CA GLN A 522 29.97 -13.58 15.46
C GLN A 522 28.77 -13.91 16.36
N LYS A 523 28.75 -13.31 17.54
CA LYS A 523 27.63 -13.49 18.46
C LYS A 523 26.97 -12.13 18.65
N ILE A 524 25.68 -12.17 18.97
CA ILE A 524 24.94 -10.96 19.29
C ILE A 524 24.73 -10.95 20.80
N GLY A 525 25.18 -9.88 21.46
CA GLY A 525 25.11 -9.77 22.89
C GLY A 525 23.69 -9.54 23.39
N GLY A 526 23.59 -9.32 24.70
CA GLY A 526 22.30 -9.13 25.33
C GLY A 526 21.71 -10.41 25.90
N ARG A 527 20.71 -10.22 26.74
CA ARG A 527 20.13 -11.30 27.53
C ARG A 527 18.89 -11.85 26.85
N HIS A 528 18.72 -13.19 26.89
CA HIS A 528 17.47 -13.83 26.45
C HIS A 528 17.20 -15.17 27.13
#